data_6H2X
#
_entry.id   6H2X
#
_cell.length_a   81.122
_cell.length_b   35.036
_cell.length_c   81.713
_cell.angle_alpha   90.00
_cell.angle_beta   93.60
_cell.angle_gamma   90.00
#
_symmetry.space_group_name_H-M   'P 1 21 1'
#
loop_
_entity.id
_entity.type
_entity.pdbx_description
1 polymer 'Chromosome partition protein MukB,Chromosome partition protein MukB'
2 water water
#
_entity_poly.entity_id   1
_entity_poly.type   'polypeptide(L)'
_entity_poly.pdbx_seq_one_letter_code
;ASDHLNLVQTALRQQEKIERYEADLDELQIRLEEQNEVVAEAIERQQENEARAEAAELEVDELKSQLADYQQALDVQQTR
AIQYNQAIAALNRAKELCHLPDLTADCAAEWLETFQAKELEATEK(MSE)LSLEQK(MSE)S(MSE)AQTAHSQFEQAYQ
LVVAINGPLARNEAWDVARELLREGVDQRHLAEQVQPLR(MSE)RLSELESGGSDRVDEIRERLDEAQEAARFVQQFGNQ
LAKLEPIVSVLQSDPEQFEQLKEDYAYSQQ(MSE)QRDARQQAFALTEVVQRRAHFSYSDSAE(MSE)LSGNSDLNEKLR
ERLEQAEAERTRAREALRGHAAQLSQYNQVLASLKSSYDTKKELLNDLQRELQDIGVRADSGAGSHHHHHH
;
_entity_poly.pdbx_strand_id   A
#
# COMPACT_ATOMS: atom_id res chain seq x y z
N ASP A 3 9.83 -46.19 -107.31
CA ASP A 3 10.93 -45.22 -107.36
C ASP A 3 10.80 -44.21 -106.22
N HIS A 4 10.84 -44.70 -105.00
CA HIS A 4 10.67 -43.88 -103.80
C HIS A 4 11.94 -43.90 -102.96
N LEU A 5 11.87 -43.21 -101.82
CA LEU A 5 12.88 -43.30 -100.75
C LEU A 5 14.30 -43.07 -101.27
N ASN A 6 14.47 -42.08 -102.14
CA ASN A 6 15.81 -41.77 -102.63
C ASN A 6 16.74 -41.49 -101.46
N LEU A 7 17.44 -42.53 -100.99
CA LEU A 7 18.37 -42.38 -99.88
C LEU A 7 19.42 -41.30 -100.12
N VAL A 8 19.64 -40.92 -101.38
CA VAL A 8 20.64 -39.89 -101.65
C VAL A 8 20.13 -38.51 -101.26
N GLN A 9 18.83 -38.27 -101.41
CA GLN A 9 18.26 -37.01 -100.93
C GLN A 9 18.27 -36.97 -99.41
N THR A 10 17.87 -38.07 -98.77
CA THR A 10 17.87 -38.13 -97.32
C THR A 10 19.26 -37.82 -96.76
N ALA A 11 20.28 -38.48 -97.29
CA ALA A 11 21.64 -38.29 -96.76
C ALA A 11 22.06 -36.83 -96.85
N LEU A 12 21.64 -36.12 -97.90
CA LEU A 12 22.00 -34.71 -98.03
C LEU A 12 21.06 -33.81 -97.26
N ARG A 13 19.81 -34.24 -97.07
CA ARG A 13 18.91 -33.49 -96.20
C ARG A 13 19.35 -33.57 -94.75
N GLN A 14 19.87 -34.72 -94.33
CA GLN A 14 20.42 -34.84 -92.99
C GLN A 14 21.63 -33.93 -92.82
N GLN A 15 22.48 -33.85 -93.85
CA GLN A 15 23.60 -32.92 -93.80
C GLN A 15 23.12 -31.47 -93.72
N GLU A 16 21.98 -31.16 -94.33
CA GLU A 16 21.42 -29.82 -94.24
C GLU A 16 21.02 -29.51 -92.80
N LYS A 17 20.30 -30.43 -92.16
CA LYS A 17 19.89 -30.22 -90.77
C LYS A 17 21.11 -29.99 -89.87
N ILE A 18 22.17 -30.78 -90.06
CA ILE A 18 23.37 -30.60 -89.27
C ILE A 18 23.89 -29.18 -89.37
N GLU A 19 23.93 -28.63 -90.59
CA GLU A 19 24.44 -27.28 -90.78
C GLU A 19 23.54 -26.23 -90.14
N ARG A 20 22.23 -26.52 -90.00
CA ARG A 20 21.34 -25.60 -89.32
C ARG A 20 21.53 -25.66 -87.82
N TYR A 21 21.61 -26.87 -87.25
CA TYR A 21 21.88 -27.01 -85.84
C TYR A 21 23.19 -26.33 -85.46
N GLU A 22 24.23 -26.51 -86.26
CA GLU A 22 25.49 -25.82 -85.98
C GLU A 22 25.29 -24.31 -85.95
N ALA A 23 24.44 -23.79 -86.82
CA ALA A 23 24.17 -22.35 -86.83
C ALA A 23 23.28 -21.96 -85.67
N ASP A 24 22.24 -22.76 -85.39
CA ASP A 24 21.38 -22.47 -84.25
C ASP A 24 22.19 -22.41 -82.96
N LEU A 25 23.10 -23.38 -82.77
CA LEU A 25 23.91 -23.39 -81.56
C LEU A 25 24.78 -22.15 -81.47
N ASP A 26 25.38 -21.73 -82.60
CA ASP A 26 26.15 -20.49 -82.60
C ASP A 26 25.27 -19.27 -82.39
N GLU A 27 23.97 -19.38 -82.70
CA GLU A 27 23.06 -18.27 -82.44
C GLU A 27 22.66 -18.23 -80.97
N LEU A 28 22.34 -19.40 -80.41
CA LEU A 28 22.04 -19.47 -78.98
C LEU A 28 23.23 -19.05 -78.14
N GLN A 29 24.44 -19.33 -78.61
CA GLN A 29 25.64 -18.97 -77.84
C GLN A 29 25.67 -17.48 -77.54
N ILE A 30 25.43 -16.65 -78.56
CA ILE A 30 25.37 -15.20 -78.34
C ILE A 30 24.21 -14.85 -77.43
N ARG A 31 23.07 -15.50 -77.64
CA ARG A 31 21.90 -15.23 -76.79
C ARG A 31 22.19 -15.55 -75.33
N LEU A 32 22.97 -16.60 -75.08
CA LEU A 32 23.28 -16.97 -73.70
C LEU A 32 24.17 -15.93 -73.04
N GLU A 33 25.23 -15.50 -73.74
CA GLU A 33 26.14 -14.52 -73.17
C GLU A 33 25.43 -13.18 -72.93
N GLU A 34 24.57 -12.77 -73.86
CA GLU A 34 23.82 -11.53 -73.68
C GLU A 34 22.88 -11.65 -72.47
N GLN A 35 22.27 -12.82 -72.28
CA GLN A 35 21.38 -12.99 -71.14
C GLN A 35 22.15 -13.13 -69.84
N ASN A 36 23.33 -13.72 -69.87
CA ASN A 36 24.11 -13.87 -68.65
C ASN A 36 24.56 -12.51 -68.12
N GLU A 37 24.82 -11.55 -69.02
CA GLU A 37 25.10 -10.19 -68.57
C GLU A 37 23.94 -9.62 -67.77
N VAL A 38 22.71 -9.90 -68.20
CA VAL A 38 21.54 -9.40 -67.48
C VAL A 38 21.45 -10.06 -66.10
N VAL A 39 21.69 -11.37 -66.03
CA VAL A 39 21.64 -12.05 -64.74
C VAL A 39 22.75 -11.55 -63.84
N ALA A 40 23.99 -11.57 -64.32
CA ALA A 40 25.12 -11.16 -63.52
C ALA A 40 24.90 -9.77 -62.92
N GLU A 41 24.28 -8.87 -63.69
CA GLU A 41 24.00 -7.54 -63.17
C GLU A 41 23.01 -7.60 -62.02
N ALA A 42 21.96 -8.42 -62.15
CA ALA A 42 20.98 -8.56 -61.08
C ALA A 42 21.56 -9.30 -59.89
N ILE A 43 22.41 -10.30 -60.14
CA ILE A 43 23.09 -11.00 -59.05
C ILE A 43 23.72 -9.99 -58.10
N GLU A 44 24.41 -8.99 -58.65
CA GLU A 44 25.09 -8.01 -57.83
C GLU A 44 24.09 -7.15 -57.06
N ARG A 45 23.07 -6.62 -57.76
CA ARG A 45 22.05 -5.84 -57.08
C ARG A 45 21.38 -6.65 -55.97
N GLN A 46 21.38 -7.98 -56.10
CA GLN A 46 20.81 -8.82 -55.04
C GLN A 46 21.74 -8.87 -53.84
N GLN A 47 23.05 -8.85 -54.06
CA GLN A 47 23.99 -8.80 -52.94
C GLN A 47 23.90 -7.46 -52.23
N GLU A 48 23.69 -6.38 -52.99
CA GLU A 48 23.45 -5.08 -52.36
C GLU A 48 22.23 -5.13 -51.46
N ASN A 49 21.17 -5.80 -51.93
CA ASN A 49 19.96 -5.94 -51.11
C ASN A 49 20.20 -6.86 -49.93
N GLU A 50 21.01 -7.91 -50.12
CA GLU A 50 21.33 -8.81 -49.02
C GLU A 50 22.07 -8.07 -47.91
N ALA A 51 22.99 -7.18 -48.28
CA ALA A 51 23.76 -6.44 -47.29
C ALA A 51 22.87 -5.46 -46.52
N ARG A 52 21.97 -4.78 -47.24
CA ARG A 52 21.00 -3.91 -46.58
C ARG A 52 20.14 -4.68 -45.61
N ALA A 53 19.71 -5.89 -45.99
CA ALA A 53 18.85 -6.70 -45.13
C ALA A 53 19.59 -7.12 -43.86
N GLU A 54 20.81 -7.63 -44.00
CA GLU A 54 21.55 -8.11 -42.83
C GLU A 54 21.88 -6.95 -41.89
N ALA A 55 22.20 -5.78 -42.44
CA ALA A 55 22.48 -4.62 -41.59
C ALA A 55 21.24 -4.19 -40.84
N ALA A 56 20.06 -4.33 -41.44
CA ALA A 56 18.82 -4.03 -40.73
C ALA A 56 18.49 -5.11 -39.72
N GLU A 57 18.70 -6.38 -40.09
CA GLU A 57 18.42 -7.48 -39.17
C GLU A 57 19.29 -7.40 -37.92
N LEU A 58 20.53 -6.94 -38.06
CA LEU A 58 21.43 -6.90 -36.91
C LEU A 58 21.11 -5.72 -35.99
N GLU A 59 20.80 -4.56 -36.56
CA GLU A 59 20.44 -3.42 -35.73
C GLU A 59 19.19 -3.70 -34.91
N VAL A 60 18.23 -4.42 -35.49
CA VAL A 60 17.04 -4.80 -34.74
C VAL A 60 17.42 -5.69 -33.56
N ASP A 61 18.31 -6.64 -33.78
CA ASP A 61 18.73 -7.54 -32.70
C ASP A 61 19.46 -6.77 -31.60
N GLU A 62 20.40 -5.91 -31.98
CA GLU A 62 21.13 -5.11 -31.00
C GLU A 62 20.17 -4.33 -30.12
N LEU A 63 19.17 -3.70 -30.71
CA LEU A 63 18.23 -2.89 -29.94
C LEU A 63 17.32 -3.76 -29.09
N LYS A 64 16.93 -4.94 -29.58
CA LYS A 64 16.11 -5.83 -28.77
C LYS A 64 16.85 -6.27 -27.52
N SER A 65 18.16 -6.51 -27.62
CA SER A 65 18.95 -6.85 -26.45
C SER A 65 19.12 -5.64 -25.55
N GLN A 66 19.47 -4.49 -26.13
CA GLN A 66 19.55 -3.25 -25.36
C GLN A 66 18.24 -2.99 -24.63
N LEU A 67 17.12 -3.12 -25.33
CA LEU A 67 15.83 -2.88 -24.70
C LEU A 67 15.51 -3.92 -23.62
N ALA A 68 15.98 -5.16 -23.81
CA ALA A 68 15.73 -6.20 -22.83
C ALA A 68 16.47 -5.91 -21.52
N ASP A 69 17.74 -5.55 -21.62
CA ASP A 69 18.52 -5.24 -20.41
C ASP A 69 18.01 -3.97 -19.75
N TYR A 70 17.75 -2.92 -20.53
CA TYR A 70 17.35 -1.66 -19.94
C TYR A 70 15.98 -1.74 -19.29
N GLN A 71 15.07 -2.55 -19.85
CA GLN A 71 13.76 -2.72 -19.24
C GLN A 71 13.87 -3.44 -17.90
N GLN A 72 14.60 -4.56 -17.87
CA GLN A 72 14.72 -5.34 -16.64
C GLN A 72 15.28 -4.47 -15.52
N ALA A 73 16.34 -3.71 -15.80
CA ALA A 73 16.91 -2.83 -14.79
C ALA A 73 15.91 -1.77 -14.36
N LEU A 74 15.11 -1.26 -15.30
CA LEU A 74 14.17 -0.19 -14.98
C LEU A 74 13.11 -0.68 -14.00
N ASP A 75 12.56 -1.88 -14.22
CA ASP A 75 11.55 -2.41 -13.31
C ASP A 75 12.09 -2.55 -11.90
N VAL A 76 13.40 -2.76 -11.76
CA VAL A 76 14.00 -2.81 -10.43
C VAL A 76 14.16 -1.42 -9.85
N GLN A 77 14.52 -0.44 -10.69
CA GLN A 77 14.60 0.94 -10.21
C GLN A 77 13.24 1.41 -9.71
N GLN A 78 12.16 1.04 -10.40
CA GLN A 78 10.83 1.41 -9.95
C GLN A 78 10.56 0.85 -8.56
N THR A 79 10.97 -0.40 -8.32
CA THR A 79 10.80 -1.00 -6.99
C THR A 79 11.45 -0.14 -5.91
N ARG A 80 12.68 0.31 -6.16
CA ARG A 80 13.39 1.12 -5.16
C ARG A 80 12.77 2.51 -5.03
N ALA A 81 12.30 3.08 -6.15
CA ALA A 81 11.65 4.39 -6.09
C ALA A 81 10.44 4.34 -5.17
N ILE A 82 9.71 3.23 -5.20
CA ILE A 82 8.53 3.09 -4.35
C ILE A 82 8.96 2.97 -2.89
N GLN A 83 9.93 2.11 -2.61
CA GLN A 83 10.44 1.97 -1.25
C GLN A 83 10.99 3.28 -0.73
N TYR A 84 11.48 4.15 -1.61
CA TYR A 84 12.00 5.45 -1.17
C TYR A 84 10.88 6.36 -0.70
N ASN A 85 9.87 6.59 -1.55
CA ASN A 85 8.77 7.46 -1.17
C ASN A 85 8.06 6.96 0.09
N GLN A 86 8.06 5.65 0.31
CA GLN A 86 7.51 5.12 1.56
C GLN A 86 8.41 5.50 2.73
N ALA A 87 9.72 5.52 2.52
CA ALA A 87 10.65 5.94 3.57
C ALA A 87 10.49 7.43 3.86
N ILE A 88 10.32 8.25 2.82
CA ILE A 88 10.08 9.67 3.03
C ILE A 88 8.76 9.89 3.75
N ALA A 89 7.71 9.16 3.35
CA ALA A 89 6.44 9.26 4.03
C ALA A 89 6.60 9.02 5.52
N ALA A 90 7.30 7.95 5.90
CA ALA A 90 7.49 7.64 7.31
C ALA A 90 8.22 8.78 8.02
N LEU A 91 9.28 9.29 7.41
CA LEU A 91 10.01 10.41 8.01
C LEU A 91 9.09 11.61 8.20
N ASN A 92 8.27 11.92 7.20
CA ASN A 92 7.33 13.03 7.32
C ASN A 92 6.40 12.83 8.50
N ARG A 93 5.79 11.65 8.61
CA ARG A 93 4.85 11.39 9.68
C ARG A 93 5.53 11.53 11.05
N ALA A 94 6.76 11.06 11.16
CA ALA A 94 7.49 11.20 12.41
C ALA A 94 7.84 12.67 12.68
N LYS A 95 8.08 13.46 11.63
CA LYS A 95 8.36 14.87 11.81
C LYS A 95 7.15 15.65 12.33
N GLU A 96 5.95 15.10 12.19
CA GLU A 96 4.75 15.78 12.66
C GLU A 96 4.38 15.31 14.07
N LEU A 97 4.19 14.00 14.23
CA LEU A 97 3.91 13.45 15.55
C LEU A 97 5.00 13.85 16.53
N CYS A 98 6.24 13.46 16.24
CA CYS A 98 7.40 14.00 16.94
C CYS A 98 7.76 15.34 16.31
N HIS A 99 7.64 16.41 17.08
CA HIS A 99 7.81 17.76 16.53
C HIS A 99 9.30 18.02 16.32
N LEU A 100 9.82 17.44 15.24
CA LEU A 100 11.23 17.48 14.89
C LEU A 100 11.33 17.84 13.41
N PRO A 101 11.21 19.12 13.06
CA PRO A 101 11.14 19.48 11.64
C PRO A 101 12.40 19.18 10.86
N ASP A 102 13.55 19.07 11.51
CA ASP A 102 14.83 18.78 10.86
C ASP A 102 15.32 17.37 11.23
N LEU A 103 14.40 16.42 11.29
CA LEU A 103 14.74 15.06 11.65
C LEU A 103 15.34 14.32 10.46
N THR A 104 16.35 13.49 10.74
CA THR A 104 16.99 12.66 9.72
C THR A 104 16.97 11.21 10.18
N ALA A 105 17.29 10.32 9.25
CA ALA A 105 17.28 8.89 9.56
C ALA A 105 18.46 8.50 10.43
N ASP A 106 19.57 9.24 10.33
CA ASP A 106 20.76 8.88 11.10
C ASP A 106 20.52 9.00 12.60
N CYS A 107 19.87 10.08 13.03
CA CYS A 107 19.69 10.35 14.45
C CYS A 107 18.37 9.82 14.99
N ALA A 108 17.53 9.22 14.15
CA ALA A 108 16.26 8.68 14.63
C ALA A 108 16.43 7.49 15.56
N ALA A 109 17.64 6.91 15.62
CA ALA A 109 17.86 5.79 16.53
C ALA A 109 17.88 6.24 17.98
N GLU A 110 18.52 7.38 18.25
CA GLU A 110 18.59 7.88 19.62
C GLU A 110 17.30 8.61 20.01
N TRP A 111 16.70 9.35 19.07
CA TRP A 111 15.38 9.92 19.33
C TRP A 111 14.38 8.84 19.73
N LEU A 112 14.54 7.63 19.20
CA LEU A 112 13.64 6.53 19.55
C LEU A 112 13.73 6.21 21.04
N GLU A 113 14.92 5.81 21.50
CA GLU A 113 15.08 5.49 22.92
C GLU A 113 14.75 6.68 23.81
N THR A 114 14.86 7.91 23.31
CA THR A 114 14.41 9.07 24.07
C THR A 114 12.89 9.06 24.24
N PHE A 115 12.16 8.53 23.26
CA PHE A 115 10.71 8.44 23.36
C PHE A 115 10.25 7.12 23.97
N GLN A 116 11.01 6.03 23.78
CA GLN A 116 10.70 4.79 24.47
C GLN A 116 10.75 5.01 25.99
N ALA A 117 11.71 5.79 26.47
CA ALA A 117 11.72 6.14 27.88
C ALA A 117 10.53 7.01 28.23
N LYS A 118 10.19 7.99 27.39
CA LYS A 118 9.00 8.80 27.61
C LYS A 118 7.74 7.95 27.62
N GLU A 119 7.77 6.77 26.98
CA GLU A 119 6.60 5.90 26.98
C GLU A 119 6.39 5.24 28.34
N LEU A 120 7.43 4.58 28.86
CA LEU A 120 7.27 3.82 30.10
C LEU A 120 7.16 4.72 31.32
N GLU A 121 7.71 5.94 31.27
CA GLU A 121 7.51 6.86 32.38
C GLU A 121 6.06 7.33 32.45
N ALA A 122 5.36 7.34 31.31
CA ALA A 122 3.95 7.66 31.30
C ALA A 122 3.08 6.50 31.78
N THR A 123 3.61 5.28 31.80
CA THR A 123 2.90 4.12 32.31
C THR A 123 3.29 3.77 33.74
N GLU A 124 4.56 3.95 34.10
CA GLU A 124 5.00 3.64 35.45
C GLU A 124 4.56 4.69 36.46
N LYS A 125 4.43 5.95 36.02
CA LYS A 125 3.81 6.96 36.87
C LYS A 125 2.29 6.81 36.88
N MSE A 126 1.71 6.43 35.75
CA MSE A 126 0.28 6.24 35.62
C MSE A 126 -0.20 5.06 36.46
O MSE A 126 -1.28 5.10 37.03
CB MSE A 126 -0.08 6.03 34.15
CG MSE A 126 -1.50 5.64 33.86
SE MSE A 126 -1.84 5.72 31.95
CE MSE A 126 -3.44 4.59 31.86
H MSE A 126 2.15 6.26 35.02
HA MSE A 126 -0.17 7.04 35.93
HB2 MSE A 126 0.10 6.87 33.68
HB3 MSE A 126 0.50 5.34 33.79
HG2 MSE A 126 -1.65 4.72 34.17
HG3 MSE A 126 -2.11 6.25 34.32
HE1 MSE A 126 -3.72 4.55 30.94
HE2 MSE A 126 -3.20 3.71 32.18
HE3 MSE A 126 -4.12 4.99 32.41
N LEU A 127 0.61 4.00 36.53
CA LEU A 127 0.27 2.86 37.36
C LEU A 127 0.33 3.23 38.84
N SER A 128 1.34 4.00 39.23
CA SER A 128 1.44 4.42 40.63
C SER A 128 0.17 5.11 41.08
N LEU A 129 -0.48 5.84 40.19
CA LEU A 129 -1.74 6.51 40.48
C LEU A 129 -2.92 5.66 40.00
N GLU A 130 -2.93 4.39 40.42
CA GLU A 130 -3.98 3.44 40.06
C GLU A 130 -4.95 3.20 41.21
N GLN A 131 -4.43 2.88 42.40
CA GLN A 131 -5.28 2.66 43.56
C GLN A 131 -6.11 3.90 43.88
N LYS A 132 -5.44 5.04 44.04
CA LYS A 132 -6.14 6.26 44.45
C LYS A 132 -7.25 6.62 43.47
N MSE A 133 -6.99 6.51 42.18
CA MSE A 133 -7.95 6.95 41.16
C MSE A 133 -9.29 6.24 41.26
O MSE A 133 -10.33 6.87 41.43
CB MSE A 133 -7.36 6.75 39.76
CG MSE A 133 -8.22 7.32 38.64
SE MSE A 133 -8.48 9.25 38.81
CE MSE A 133 -10.44 9.29 38.96
H MSE A 133 -6.27 6.16 41.85
HA MSE A 133 -8.10 7.90 41.28
HB2 MSE A 133 -6.49 7.20 39.72
HB3 MSE A 133 -7.25 5.81 39.60
HG2 MSE A 133 -7.79 7.15 37.80
HG3 MSE A 133 -9.10 6.90 38.67
HE1 MSE A 133 -10.73 10.21 39.05
HE2 MSE A 133 -10.82 8.90 38.15
HE3 MSE A 133 -10.70 8.77 39.74
N SER A 134 -9.26 4.91 41.13
CA SER A 134 -10.50 4.13 41.10
C SER A 134 -11.36 4.43 42.33
N MSE A 135 -10.76 4.46 43.51
CA MSE A 135 -11.51 4.67 44.74
C MSE A 135 -11.69 6.16 45.03
O MSE A 135 -12.39 6.54 45.97
CB MSE A 135 -10.82 3.98 45.92
CG MSE A 135 -9.46 4.53 46.28
SE MSE A 135 -8.41 3.21 47.27
CE MSE A 135 -7.56 4.39 48.57
H MSE A 135 -9.91 4.35 43.62
HA MSE A 135 -12.38 4.27 44.64
HB2 MSE A 135 -11.39 4.06 46.69
HB3 MSE A 135 -10.71 3.04 45.70
HG2 MSE A 135 -8.97 4.77 45.47
HG3 MSE A 135 -9.56 5.32 46.84
HE1 MSE A 135 -6.99 3.85 49.14
HE2 MSE A 135 -7.03 5.05 48.10
HE3 MSE A 135 -8.26 4.83 49.09
N ALA A 136 -11.05 7.01 44.22
CA ALA A 136 -11.35 8.45 44.29
C ALA A 136 -12.69 8.74 43.61
N GLN A 137 -13.05 7.98 42.58
CA GLN A 137 -14.37 8.11 41.99
C GLN A 137 -15.45 7.74 42.99
N THR A 138 -15.21 6.69 43.78
CA THR A 138 -16.18 6.29 44.81
C THR A 138 -16.24 7.31 45.93
N ALA A 139 -15.08 7.72 46.45
CA ALA A 139 -15.05 8.75 47.47
C ALA A 139 -15.73 10.03 47.01
N HIS A 140 -15.65 10.34 45.71
CA HIS A 140 -16.30 11.53 45.19
C HIS A 140 -17.80 11.32 45.03
N SER A 141 -18.21 10.11 44.65
CA SER A 141 -19.64 9.82 44.53
C SER A 141 -20.30 9.75 45.90
N GLN A 142 -19.57 9.29 46.92
CA GLN A 142 -20.13 9.24 48.27
C GLN A 142 -20.06 10.61 48.95
N PHE A 143 -19.03 11.41 48.64
CA PHE A 143 -18.98 12.77 49.16
C PHE A 143 -20.18 13.58 48.65
N GLU A 144 -20.64 13.29 47.43
CA GLU A 144 -21.80 13.99 46.90
C GLU A 144 -23.09 13.45 47.50
N GLN A 145 -23.25 12.13 47.52
CA GLN A 145 -24.44 11.54 48.15
C GLN A 145 -24.61 12.05 49.57
N ALA A 146 -23.51 12.16 50.31
CA ALA A 146 -23.59 12.66 51.68
C ALA A 146 -23.90 14.14 51.71
N TYR A 147 -23.10 14.95 51.01
CA TYR A 147 -23.28 16.39 51.03
C TYR A 147 -24.71 16.79 50.69
N GLN A 148 -25.33 16.09 49.75
CA GLN A 148 -26.70 16.42 49.37
C GLN A 148 -27.70 15.95 50.41
N LEU A 149 -27.39 14.88 51.15
CA LEU A 149 -28.23 14.50 52.27
C LEU A 149 -28.20 15.57 53.36
N VAL A 150 -27.04 16.18 53.59
CA VAL A 150 -26.93 17.22 54.60
C VAL A 150 -27.70 18.47 54.17
N VAL A 151 -27.61 18.84 52.89
CA VAL A 151 -28.36 19.99 52.41
C VAL A 151 -29.86 19.71 52.49
N ALA A 152 -30.27 18.46 52.34
CA ALA A 152 -31.68 18.13 52.43
C ALA A 152 -32.20 18.36 53.85
N ILE A 153 -31.39 18.08 54.86
CA ILE A 153 -31.78 18.24 56.25
C ILE A 153 -31.48 19.64 56.75
N ASN A 154 -30.23 20.08 56.61
CA ASN A 154 -29.80 21.37 57.13
C ASN A 154 -30.22 22.52 56.23
N GLY A 155 -30.09 22.34 54.92
CA GLY A 155 -30.28 23.42 53.98
C GLY A 155 -28.96 23.81 53.35
N PRO A 156 -28.98 24.85 52.51
CA PRO A 156 -27.76 25.22 51.79
C PRO A 156 -26.63 25.59 52.74
N LEU A 157 -25.41 25.20 52.37
CA LEU A 157 -24.21 25.50 53.14
C LEU A 157 -23.00 25.17 52.26
N ALA A 158 -21.84 25.62 52.71
CA ALA A 158 -20.60 25.34 52.01
C ALA A 158 -20.16 23.90 52.26
N ARG A 159 -19.39 23.35 51.32
CA ARG A 159 -18.96 21.97 51.44
C ARG A 159 -17.92 21.79 52.54
N ASN A 160 -17.14 22.83 52.83
CA ASN A 160 -16.18 22.77 53.93
C ASN A 160 -16.85 22.87 55.29
N GLU A 161 -18.15 23.21 55.34
CA GLU A 161 -18.90 23.27 56.58
C GLU A 161 -19.73 22.01 56.82
N ALA A 162 -19.71 21.06 55.88
CA ALA A 162 -20.62 19.91 55.97
C ALA A 162 -20.17 18.92 57.04
N TRP A 163 -18.86 18.70 57.17
CA TRP A 163 -18.36 17.73 58.15
C TRP A 163 -18.87 18.05 59.55
N ASP A 164 -18.56 19.25 60.05
CA ASP A 164 -19.00 19.63 61.38
C ASP A 164 -20.51 19.56 61.52
N VAL A 165 -21.25 20.05 60.53
CA VAL A 165 -22.70 19.99 60.56
C VAL A 165 -23.16 18.54 60.58
N ALA A 166 -22.65 17.73 59.63
CA ALA A 166 -23.10 16.35 59.50
C ALA A 166 -23.01 15.59 60.82
N ARG A 167 -21.89 15.75 61.53
CA ARG A 167 -21.76 15.07 62.82
C ARG A 167 -22.85 15.50 63.79
N GLU A 168 -23.08 16.81 63.89
CA GLU A 168 -24.09 17.32 64.82
C GLU A 168 -25.46 16.72 64.52
N LEU A 169 -25.87 16.72 63.24
CA LEU A 169 -27.15 16.14 62.87
C LEU A 169 -27.29 14.72 63.40
N LEU A 170 -26.22 13.93 63.31
CA LEU A 170 -26.28 12.57 63.82
C LEU A 170 -26.40 12.56 65.33
N ARG A 171 -25.71 13.46 66.02
CA ARG A 171 -25.83 13.55 67.47
C ARG A 171 -27.27 13.86 67.87
N GLU A 172 -27.89 14.85 67.23
CA GLU A 172 -29.29 15.15 67.50
C GLU A 172 -30.17 13.94 67.26
N GLY A 173 -30.01 13.30 66.10
CA GLY A 173 -30.79 12.11 65.81
C GLY A 173 -30.63 11.02 66.85
N VAL A 174 -29.45 10.95 67.48
CA VAL A 174 -29.24 9.98 68.56
C VAL A 174 -30.12 10.32 69.75
N ASP A 175 -29.93 11.51 70.33
CA ASP A 175 -30.65 11.88 71.54
C ASP A 175 -32.14 12.12 71.28
N GLN A 176 -32.52 12.43 70.03
CA GLN A 176 -33.94 12.58 69.73
C GLN A 176 -34.66 11.24 69.71
N ARG A 177 -33.96 10.17 69.35
CA ARG A 177 -34.56 8.84 69.39
C ARG A 177 -34.68 8.30 70.81
N HIS A 178 -33.77 8.72 71.70
CA HIS A 178 -33.83 8.26 73.09
C HIS A 178 -35.03 8.85 73.82
N LEU A 179 -35.28 10.14 73.63
CA LEU A 179 -36.42 10.78 74.26
C LEU A 179 -37.69 10.69 73.42
N ALA A 180 -37.60 10.15 72.20
CA ALA A 180 -38.79 9.85 71.43
C ALA A 180 -39.42 8.53 71.86
N GLU A 181 -38.61 7.56 72.29
CA GLU A 181 -39.11 6.28 72.78
C GLU A 181 -39.53 6.36 74.25
N GLN A 182 -39.83 7.54 74.75
CA GLN A 182 -40.41 7.73 76.08
C GLN A 182 -41.91 7.99 76.05
N VAL A 183 -42.48 8.15 74.85
CA VAL A 183 -43.90 8.52 74.75
C VAL A 183 -44.79 7.53 75.47
N GLN A 184 -44.38 6.26 75.55
CA GLN A 184 -45.22 5.24 76.17
C GLN A 184 -44.99 5.19 77.67
N PRO A 185 -43.73 5.07 78.13
CA PRO A 185 -43.50 5.19 79.58
C PRO A 185 -44.13 6.43 80.19
N LEU A 186 -44.27 7.51 79.43
CA LEU A 186 -44.89 8.73 79.96
C LEU A 186 -46.40 8.61 79.97
N ARG A 187 -46.99 8.11 78.88
CA ARG A 187 -48.43 7.88 78.87
C ARG A 187 -48.84 6.93 79.99
N MSE A 188 -47.99 5.94 80.28
CA MSE A 188 -48.24 5.05 81.41
C MSE A 188 -48.45 5.86 82.68
O MSE A 188 -49.45 5.68 83.38
CB MSE A 188 -47.05 4.09 81.60
CG MSE A 188 -47.05 2.91 80.65
SE MSE A 188 -46.59 1.22 81.51
CE MSE A 188 -48.05 1.15 82.81
H MSE A 188 -47.29 5.76 79.83
HA MSE A 188 -49.03 4.51 81.23
HB2 MSE A 188 -46.24 4.59 81.47
HB3 MSE A 188 -47.09 3.73 82.50
HG2 MSE A 188 -47.93 2.82 80.25
HG3 MSE A 188 -46.38 3.08 79.96
HE1 MSE A 188 -47.97 0.34 83.34
HE2 MSE A 188 -48.00 1.93 83.39
HE3 MSE A 188 -48.90 1.15 82.33
N ARG A 189 -47.51 6.76 82.98
CA ARG A 189 -47.61 7.56 84.19
C ARG A 189 -48.79 8.52 84.10
N LEU A 190 -49.07 9.05 82.90
CA LEU A 190 -50.16 9.99 82.76
C LEU A 190 -51.52 9.29 82.86
N SER A 191 -51.68 8.17 82.16
CA SER A 191 -52.96 7.46 82.21
C SER A 191 -53.24 6.94 83.61
N GLU A 192 -52.21 6.48 84.32
CA GLU A 192 -52.36 6.03 85.69
C GLU A 192 -52.47 7.19 86.67
N LEU A 193 -52.47 8.43 86.19
CA LEU A 193 -52.58 9.59 87.07
C LEU A 193 -53.36 10.71 86.40
N GLU A 194 -54.26 10.36 85.48
CA GLU A 194 -55.11 11.37 84.87
C GLU A 194 -56.22 11.81 85.82
N SER A 195 -56.93 10.85 86.42
CA SER A 195 -57.93 11.18 87.42
C SER A 195 -57.28 11.92 88.58
N GLY A 196 -57.92 13.01 89.02
CA GLY A 196 -57.31 13.86 90.00
C GLY A 196 -56.18 14.69 89.38
N GLY A 197 -55.39 15.28 90.25
CA GLY A 197 -54.28 16.11 89.80
C GLY A 197 -53.45 16.67 90.93
N SER A 198 -52.18 16.26 91.00
CA SER A 198 -51.23 16.78 91.98
C SER A 198 -50.26 17.78 91.38
N ASP A 199 -50.58 18.33 90.20
CA ASP A 199 -49.73 19.27 89.49
C ASP A 199 -48.51 18.59 88.88
N ARG A 200 -48.27 17.32 89.24
CA ARG A 200 -47.27 16.53 88.52
C ARG A 200 -47.68 16.33 87.07
N VAL A 201 -48.99 16.22 86.82
CA VAL A 201 -49.50 16.07 85.46
C VAL A 201 -48.92 17.14 84.55
N ASP A 202 -48.66 18.33 85.09
CA ASP A 202 -48.04 19.39 84.30
C ASP A 202 -46.61 19.03 83.94
N GLU A 203 -45.87 18.42 84.88
CA GLU A 203 -44.52 17.97 84.58
C GLU A 203 -44.52 16.87 83.52
N ILE A 204 -45.52 16.00 83.58
CA ILE A 204 -45.56 14.83 82.69
C ILE A 204 -46.22 15.16 81.36
N ARG A 205 -47.31 15.92 81.39
CA ARG A 205 -47.96 16.32 80.15
C ARG A 205 -47.07 17.19 79.28
N GLU A 206 -46.03 17.79 79.86
CA GLU A 206 -45.10 18.61 79.11
C GLU A 206 -43.92 17.79 78.60
N ARG A 207 -43.28 17.03 79.49
CA ARG A 207 -42.26 16.07 79.04
C ARG A 207 -42.83 15.09 78.03
N LEU A 208 -44.15 14.90 78.01
CA LEU A 208 -44.77 14.04 77.01
C LEU A 208 -44.90 14.74 75.67
N ASP A 209 -45.23 16.03 75.67
CA ASP A 209 -45.24 16.79 74.43
C ASP A 209 -43.83 16.98 73.89
N GLU A 210 -42.84 17.12 74.79
CA GLU A 210 -41.45 17.11 74.36
C GLU A 210 -41.11 15.82 73.62
N ALA A 211 -41.71 14.70 74.02
CA ALA A 211 -41.45 13.43 73.37
C ALA A 211 -42.22 13.30 72.06
N GLN A 212 -43.47 13.79 72.04
CA GLN A 212 -44.27 13.72 70.82
C GLN A 212 -43.58 14.46 69.67
N GLU A 213 -43.01 15.64 69.95
CA GLU A 213 -42.33 16.40 68.92
C GLU A 213 -41.04 15.71 68.49
N ALA A 214 -40.36 15.03 69.40
CA ALA A 214 -39.15 14.29 69.03
C ALA A 214 -39.48 13.07 68.19
N ALA A 215 -40.63 12.44 68.43
CA ALA A 215 -41.06 11.33 67.57
C ALA A 215 -41.35 11.83 66.16
N ARG A 216 -42.00 12.99 66.04
CA ARG A 216 -42.19 13.60 64.74
C ARG A 216 -40.87 13.92 64.06
N PHE A 217 -39.85 14.29 64.85
CA PHE A 217 -38.54 14.58 64.29
C PHE A 217 -37.94 13.32 63.65
N VAL A 218 -37.96 12.21 64.37
CA VAL A 218 -37.45 10.95 63.83
C VAL A 218 -38.11 10.64 62.50
N GLN A 219 -39.43 10.82 62.42
CA GLN A 219 -40.14 10.52 61.18
C GLN A 219 -39.65 11.40 60.04
N GLN A 220 -39.49 12.70 60.29
CA GLN A 220 -39.14 13.62 59.22
C GLN A 220 -37.72 13.39 58.71
N PHE A 221 -36.78 13.10 59.62
CA PHE A 221 -35.38 12.97 59.26
C PHE A 221 -34.78 11.60 59.54
N GLY A 222 -35.54 10.68 60.14
CA GLY A 222 -34.95 9.40 60.52
C GLY A 222 -34.35 8.65 59.34
N ASN A 223 -35.00 8.73 58.17
CA ASN A 223 -34.52 7.97 57.01
C ASN A 223 -33.24 8.56 56.46
N GLN A 224 -33.20 9.88 56.25
CA GLN A 224 -32.00 10.51 55.69
C GLN A 224 -30.80 10.31 56.61
N LEU A 225 -31.00 10.42 57.92
CA LEU A 225 -29.90 10.18 58.85
C LEU A 225 -29.41 8.74 58.76
N ALA A 226 -30.29 7.82 58.39
CA ALA A 226 -29.85 6.43 58.19
C ALA A 226 -29.00 6.30 56.93
N LYS A 227 -29.40 7.00 55.86
CA LYS A 227 -28.59 7.03 54.65
C LYS A 227 -27.34 7.88 54.79
N LEU A 228 -27.11 8.47 55.96
CA LEU A 228 -25.97 9.36 56.17
C LEU A 228 -24.92 8.79 57.12
N GLU A 229 -25.29 7.85 57.99
CA GLU A 229 -24.38 7.35 59.01
C GLU A 229 -23.19 6.59 58.43
N PRO A 230 -23.37 5.76 57.40
CA PRO A 230 -22.22 5.00 56.89
C PRO A 230 -21.23 5.85 56.10
N ILE A 231 -21.64 7.00 55.57
CA ILE A 231 -20.80 7.77 54.66
C ILE A 231 -20.50 9.16 55.23
N VAL A 232 -20.20 9.23 56.52
CA VAL A 232 -19.91 10.52 57.15
C VAL A 232 -18.44 10.89 57.01
N SER A 233 -17.55 9.90 57.17
CA SER A 233 -16.12 10.18 57.22
C SER A 233 -15.64 10.94 56.01
N VAL A 234 -16.21 10.68 54.83
CA VAL A 234 -15.72 11.28 53.60
C VAL A 234 -15.76 12.80 53.68
N LEU A 235 -16.73 13.36 54.39
CA LEU A 235 -16.90 14.81 54.44
C LEU A 235 -15.69 15.52 55.03
N GLN A 236 -14.77 14.80 55.68
CA GLN A 236 -13.52 15.41 56.11
C GLN A 236 -12.66 15.83 54.92
N SER A 237 -12.78 15.12 53.80
CA SER A 237 -11.84 15.24 52.71
C SER A 237 -12.09 16.50 51.89
N ASP A 238 -11.04 16.94 51.20
CA ASP A 238 -11.15 18.04 50.26
C ASP A 238 -11.55 17.49 48.90
N PRO A 239 -12.67 17.92 48.32
CA PRO A 239 -13.11 17.33 47.05
C PRO A 239 -12.37 17.83 45.83
N GLU A 240 -11.64 18.94 45.94
CA GLU A 240 -10.86 19.45 44.82
C GLU A 240 -9.58 18.64 44.58
N GLN A 241 -9.25 17.72 45.49
CA GLN A 241 -8.12 16.83 45.25
C GLN A 241 -8.50 15.65 44.37
N PHE A 242 -9.75 15.19 44.47
CA PHE A 242 -10.25 14.21 43.51
C PHE A 242 -10.08 14.70 42.09
N GLU A 243 -10.52 15.93 41.82
CA GLU A 243 -10.32 16.50 40.49
C GLU A 243 -8.84 16.65 40.19
N GLN A 244 -8.09 17.27 41.11
CA GLN A 244 -6.65 17.38 40.94
C GLN A 244 -6.03 16.02 40.63
N LEU A 245 -6.56 14.95 41.22
CA LEU A 245 -6.04 13.61 40.97
C LEU A 245 -6.41 13.13 39.58
N LYS A 246 -7.68 13.29 39.18
CA LYS A 246 -8.09 12.82 37.86
C LYS A 246 -7.55 13.72 36.76
N GLU A 247 -7.30 15.00 37.06
CA GLU A 247 -6.61 15.85 36.10
C GLU A 247 -5.24 15.28 35.76
N ASP A 248 -4.48 14.86 36.77
CA ASP A 248 -3.15 14.33 36.53
C ASP A 248 -3.21 12.94 35.89
N TYR A 249 -4.28 12.18 36.14
CA TYR A 249 -4.43 10.92 35.43
C TYR A 249 -4.54 11.16 33.93
N ALA A 250 -5.41 12.09 33.53
CA ALA A 250 -5.59 12.37 32.12
C ALA A 250 -4.30 12.84 31.47
N TYR A 251 -3.55 13.70 32.16
CA TYR A 251 -2.26 14.13 31.61
C TYR A 251 -1.34 12.95 31.36
N SER A 252 -1.27 12.02 32.33
CA SER A 252 -0.37 10.87 32.17
C SER A 252 -0.91 9.88 31.15
N GLN A 253 -2.21 9.91 30.86
CA GLN A 253 -2.75 9.07 29.80
C GLN A 253 -2.44 9.65 28.42
N GLN A 254 -2.58 10.97 28.28
CA GLN A 254 -2.26 11.61 27.00
C GLN A 254 -0.80 11.41 26.64
N MSE A 255 0.10 11.49 27.63
CA MSE A 255 1.51 11.30 27.39
C MSE A 255 1.79 9.90 26.84
O MSE A 255 2.61 9.73 25.93
CB MSE A 255 2.32 11.53 28.67
CG MSE A 255 2.24 12.96 29.23
SE MSE A 255 2.89 14.37 28.05
CE MSE A 255 1.25 14.73 27.05
H MSE A 255 -0.11 11.65 28.44
HA MSE A 255 1.81 11.96 26.73
HB2 MSE A 255 1.99 10.93 29.35
HB3 MSE A 255 3.25 11.35 28.49
HG2 MSE A 255 1.32 13.16 29.44
HG3 MSE A 255 2.77 13.00 30.04
HE1 MSE A 255 1.43 15.43 26.40
HE2 MSE A 255 0.98 13.92 26.58
HE3 MSE A 255 0.56 15.01 27.67
N GLN A 256 1.11 8.89 27.40
CA GLN A 256 1.29 7.54 26.90
C GLN A 256 0.71 7.39 25.50
N ARG A 257 -0.46 7.98 25.26
CA ARG A 257 -1.06 7.94 23.93
C ARG A 257 -0.14 8.58 22.91
N ASP A 258 0.49 9.69 23.29
CA ASP A 258 1.41 10.37 22.37
C ASP A 258 2.75 9.66 22.28
N ALA A 259 3.22 9.09 23.39
CA ALA A 259 4.51 8.42 23.38
C ALA A 259 4.46 7.11 22.61
N ARG A 260 3.41 6.31 22.80
CA ARG A 260 3.29 5.05 22.08
C ARG A 260 3.37 5.27 20.57
N GLN A 261 2.69 6.31 20.08
CA GLN A 261 2.66 6.54 18.64
C GLN A 261 3.94 7.20 18.15
N GLN A 262 4.48 8.15 18.93
CA GLN A 262 5.74 8.77 18.56
C GLN A 262 6.86 7.73 18.45
N ALA A 263 7.00 6.90 19.48
CA ALA A 263 7.99 5.83 19.41
C ALA A 263 7.73 4.90 18.24
N PHE A 264 6.46 4.71 17.87
CA PHE A 264 6.14 3.83 16.75
C PHE A 264 6.56 4.43 15.42
N ALA A 265 6.37 5.75 15.26
CA ALA A 265 6.72 6.40 14.01
C ALA A 265 8.23 6.41 13.79
N LEU A 266 8.99 6.64 14.87
CA LEU A 266 10.45 6.59 14.76
C LEU A 266 10.93 5.19 14.45
N THR A 267 10.28 4.17 15.03
CA THR A 267 10.64 2.79 14.73
C THR A 267 10.50 2.52 13.23
N GLU A 268 9.47 3.05 12.60
CA GLU A 268 9.30 2.88 11.16
C GLU A 268 10.49 3.45 10.41
N VAL A 269 10.93 4.66 10.78
CA VAL A 269 12.04 5.30 10.09
C VAL A 269 13.29 4.44 10.20
N VAL A 270 13.59 3.95 11.40
CA VAL A 270 14.77 3.12 11.61
C VAL A 270 14.71 1.89 10.71
N GLN A 271 13.58 1.19 10.71
CA GLN A 271 13.46 -0.01 9.90
C GLN A 271 13.70 0.27 8.43
N ARG A 272 13.37 1.48 7.97
CA ARG A 272 13.55 1.88 6.58
C ARG A 272 14.82 2.67 6.36
N ARG A 273 15.78 2.58 7.28
CA ARG A 273 17.01 3.36 7.19
C ARG A 273 17.69 3.16 5.84
N ALA A 274 17.79 1.91 5.38
CA ALA A 274 18.49 1.61 4.14
C ALA A 274 17.80 2.24 2.94
N HIS A 275 16.46 2.26 2.93
CA HIS A 275 15.72 2.75 1.79
C HIS A 275 15.89 4.25 1.56
N PHE A 276 16.43 4.98 2.53
CA PHE A 276 16.69 6.41 2.33
C PHE A 276 17.82 6.65 1.34
N SER A 277 18.65 5.65 1.08
CA SER A 277 19.74 5.76 0.12
C SER A 277 19.30 5.38 -1.30
N TYR A 278 18.00 5.26 -1.54
CA TYR A 278 17.47 5.03 -2.89
C TYR A 278 16.99 6.33 -3.54
N SER A 279 17.38 7.48 -3.01
CA SER A 279 16.97 8.74 -3.61
C SER A 279 17.35 8.80 -5.09
N ASP A 280 18.53 8.28 -5.43
CA ASP A 280 18.92 8.19 -6.83
C ASP A 280 17.84 7.54 -7.67
N SER A 281 17.34 6.38 -7.21
CA SER A 281 16.37 5.63 -8.02
C SER A 281 15.10 6.43 -8.27
N ALA A 282 14.58 7.11 -7.24
CA ALA A 282 13.34 7.86 -7.42
C ALA A 282 13.57 9.16 -8.17
N GLU A 283 14.67 9.86 -7.88
CA GLU A 283 14.95 11.14 -8.53
C GLU A 283 15.07 11.01 -10.04
N MSE A 284 15.40 9.84 -10.56
CA MSE A 284 15.61 9.66 -12.00
C MSE A 284 14.73 8.57 -12.59
O MSE A 284 15.10 7.94 -13.59
CB MSE A 284 17.08 9.31 -12.28
CG MSE A 284 18.09 10.26 -11.66
SE MSE A 284 19.91 9.79 -12.15
CE MSE A 284 19.92 7.92 -11.59
H MSE A 284 15.52 9.12 -10.10
HA MSE A 284 15.42 10.50 -12.45
HB2 MSE A 284 17.26 8.42 -11.93
HB3 MSE A 284 17.22 9.32 -13.24
HG2 MSE A 284 17.91 11.17 -11.99
HG3 MSE A 284 18.01 10.23 -10.70
HE1 MSE A 284 20.80 7.54 -11.77
HE2 MSE A 284 19.74 7.88 -10.63
HE3 MSE A 284 19.24 7.43 -12.08
N LEU A 285 13.56 8.34 -12.01
CA LEU A 285 12.69 7.29 -12.53
C LEU A 285 11.96 7.75 -13.79
N SER A 286 11.33 8.92 -13.73
CA SER A 286 10.61 9.42 -14.90
C SER A 286 11.57 9.69 -16.05
N GLY A 287 12.76 10.21 -15.75
CA GLY A 287 13.74 10.44 -16.80
C GLY A 287 14.14 9.15 -17.51
N ASN A 288 14.52 8.13 -16.72
CA ASN A 288 14.91 6.85 -17.31
C ASN A 288 13.75 6.17 -18.01
N SER A 289 12.52 6.37 -17.51
CA SER A 289 11.35 5.83 -18.20
C SER A 289 11.15 6.49 -19.56
N ASP A 290 11.46 7.78 -19.67
CA ASP A 290 11.38 8.45 -20.96
C ASP A 290 12.40 7.87 -21.93
N LEU A 291 13.64 7.67 -21.47
CA LEU A 291 14.65 7.05 -22.31
C LEU A 291 14.22 5.65 -22.74
N ASN A 292 13.63 4.88 -21.81
CA ASN A 292 13.20 3.53 -22.15
C ASN A 292 12.18 3.53 -23.27
N GLU A 293 11.31 4.54 -23.32
CA GLU A 293 10.32 4.61 -24.38
C GLU A 293 10.90 5.18 -25.68
N LYS A 294 11.96 5.99 -25.58
CA LYS A 294 12.66 6.39 -26.79
C LYS A 294 13.46 5.24 -27.37
N LEU A 295 13.96 4.33 -26.51
CA LEU A 295 14.62 3.13 -27.01
C LEU A 295 13.61 2.19 -27.65
N ARG A 296 12.44 2.02 -27.02
CA ARG A 296 11.39 1.20 -27.62
C ARG A 296 10.91 1.82 -28.93
N GLU A 297 10.85 3.16 -28.99
CA GLU A 297 10.55 3.83 -30.25
C GLU A 297 11.64 3.54 -31.28
N ARG A 298 12.91 3.69 -30.88
CA ARG A 298 14.02 3.42 -31.78
C ARG A 298 13.92 2.02 -32.37
N LEU A 299 13.58 1.04 -31.54
CA LEU A 299 13.45 -0.34 -32.03
C LEU A 299 12.37 -0.44 -33.10
N GLU A 300 11.22 0.21 -32.88
CA GLU A 300 10.13 0.11 -33.84
C GLU A 300 10.49 0.76 -35.17
N GLN A 301 11.35 1.78 -35.16
CA GLN A 301 11.83 2.36 -36.41
C GLN A 301 12.67 1.35 -37.19
N ALA A 302 13.58 0.67 -36.50
CA ALA A 302 14.46 -0.30 -37.17
C ALA A 302 13.65 -1.44 -37.77
N GLU A 303 12.73 -2.01 -36.98
CA GLU A 303 11.89 -3.08 -37.50
C GLU A 303 11.13 -2.64 -38.75
N ALA A 304 10.76 -1.36 -38.82
CA ALA A 304 10.16 -0.84 -40.04
C ALA A 304 11.17 -0.82 -41.18
N GLU A 305 12.41 -0.40 -40.89
CA GLU A 305 13.46 -0.43 -41.90
C GLU A 305 13.81 -1.85 -42.30
N ARG A 306 13.73 -2.80 -41.35
CA ARG A 306 13.98 -4.19 -41.68
C ARG A 306 12.91 -4.74 -42.62
N THR A 307 11.65 -4.38 -42.37
CA THR A 307 10.57 -4.80 -43.26
C THR A 307 10.76 -4.23 -44.65
N ARG A 308 11.01 -2.92 -44.74
CA ARG A 308 11.28 -2.29 -46.03
C ARG A 308 12.47 -2.92 -46.73
N ALA A 309 13.38 -3.54 -45.98
CA ALA A 309 14.52 -4.22 -46.59
C ALA A 309 14.17 -5.63 -47.04
N ARG A 310 13.36 -6.34 -46.26
CA ARG A 310 12.95 -7.69 -46.66
C ARG A 310 11.99 -7.64 -47.84
N GLU A 311 11.24 -6.56 -47.98
CA GLU A 311 10.31 -6.43 -49.10
C GLU A 311 11.05 -6.05 -50.39
N ALA A 312 12.06 -5.19 -50.29
CA ALA A 312 12.85 -4.83 -51.46
C ALA A 312 13.72 -6.00 -51.91
N LEU A 313 14.30 -6.72 -50.95
CA LEU A 313 15.10 -7.89 -51.30
C LEU A 313 14.26 -8.95 -52.00
N ARG A 314 13.00 -9.10 -51.58
CA ARG A 314 12.11 -10.05 -52.24
C ARG A 314 11.65 -9.53 -53.59
N GLY A 315 11.39 -8.23 -53.69
CA GLY A 315 10.95 -7.66 -54.95
C GLY A 315 11.96 -7.85 -56.06
N HIS A 316 13.24 -7.70 -55.74
CA HIS A 316 14.28 -7.86 -56.75
C HIS A 316 14.64 -9.33 -56.96
N ALA A 317 14.48 -10.16 -55.92
CA ALA A 317 14.70 -11.59 -56.10
C ALA A 317 13.78 -12.15 -57.17
N ALA A 318 12.52 -11.72 -57.17
CA ALA A 318 11.59 -12.15 -58.21
C ALA A 318 12.05 -11.65 -59.57
N GLN A 319 12.47 -10.39 -59.65
CA GLN A 319 12.98 -9.85 -60.91
C GLN A 319 14.21 -10.61 -61.37
N LEU A 320 15.04 -11.08 -60.43
CA LEU A 320 16.17 -11.93 -60.78
C LEU A 320 15.71 -13.29 -61.26
N SER A 321 14.68 -13.84 -60.60
CA SER A 321 14.20 -15.16 -60.98
C SER A 321 13.68 -15.16 -62.41
N GLN A 322 12.91 -14.14 -62.78
CA GLN A 322 12.42 -14.04 -64.15
C GLN A 322 13.57 -13.99 -65.15
N TYR A 323 14.56 -13.12 -64.90
CA TYR A 323 15.73 -13.07 -65.76
C TYR A 323 16.45 -14.42 -65.82
N ASN A 324 16.31 -15.23 -64.78
CA ASN A 324 16.93 -16.56 -64.78
C ASN A 324 16.07 -17.58 -65.50
N GLN A 325 14.75 -17.37 -65.54
CA GLN A 325 13.87 -18.28 -66.27
C GLN A 325 14.25 -18.35 -67.75
N VAL A 326 14.48 -17.19 -68.37
CA VAL A 326 14.75 -17.16 -69.79
C VAL A 326 16.12 -17.75 -70.08
N LEU A 327 17.09 -17.51 -69.19
CA LEU A 327 18.41 -18.09 -69.36
C LEU A 327 18.36 -19.61 -69.23
N ALA A 328 17.52 -20.12 -68.32
CA ALA A 328 17.38 -21.56 -68.19
C ALA A 328 16.76 -22.17 -69.45
N SER A 329 15.85 -21.44 -70.09
CA SER A 329 15.26 -21.91 -71.34
C SER A 329 16.32 -22.06 -72.41
N LEU A 330 17.12 -21.01 -72.64
CA LEU A 330 18.19 -21.07 -73.61
C LEU A 330 19.10 -22.26 -73.35
N LYS A 331 19.36 -22.57 -72.08
CA LYS A 331 20.17 -23.73 -71.74
C LYS A 331 19.46 -25.03 -72.13
N SER A 332 18.18 -25.15 -71.76
CA SER A 332 17.43 -26.36 -72.10
C SER A 332 17.41 -26.59 -73.60
N SER A 333 17.40 -25.52 -74.39
CA SER A 333 17.43 -25.67 -75.84
C SER A 333 18.82 -26.05 -76.33
N TYR A 334 19.84 -25.27 -75.95
CA TYR A 334 21.21 -25.59 -76.33
C TYR A 334 21.55 -27.02 -75.95
N ASP A 335 21.14 -27.44 -74.75
CA ASP A 335 21.44 -28.80 -74.30
C ASP A 335 20.83 -29.84 -75.26
N THR A 336 19.54 -29.71 -75.56
CA THR A 336 18.87 -30.70 -76.39
C THR A 336 19.31 -30.59 -77.85
N LYS A 337 19.49 -29.37 -78.35
CA LYS A 337 19.87 -29.21 -79.75
C LYS A 337 21.27 -29.76 -80.00
N LYS A 338 22.20 -29.54 -79.06
CA LYS A 338 23.52 -30.14 -79.20
C LYS A 338 23.45 -31.66 -79.12
N GLU A 339 22.45 -32.20 -78.42
CA GLU A 339 22.23 -33.64 -78.40
C GLU A 339 21.68 -34.12 -79.73
N LEU A 340 20.64 -33.45 -80.25
CA LEU A 340 20.11 -33.80 -81.56
C LEU A 340 21.20 -33.75 -82.62
N LEU A 341 22.10 -32.76 -82.53
CA LEU A 341 23.18 -32.66 -83.49
C LEU A 341 24.13 -33.83 -83.41
N ASN A 342 24.34 -34.38 -82.21
CA ASN A 342 25.23 -35.52 -82.06
C ASN A 342 24.58 -36.80 -82.56
N ASP A 343 23.29 -36.98 -82.28
CA ASP A 343 22.59 -38.19 -82.74
C ASP A 343 22.58 -38.28 -84.25
N LEU A 344 22.00 -37.27 -84.92
CA LEU A 344 21.89 -37.30 -86.37
C LEU A 344 23.26 -37.34 -87.03
N GLN A 345 24.29 -36.79 -86.36
CA GLN A 345 25.65 -36.91 -86.87
C GLN A 345 26.06 -38.38 -86.99
N ARG A 346 25.91 -39.14 -85.90
CA ARG A 346 26.34 -40.54 -85.91
C ARG A 346 25.47 -41.37 -86.83
N GLU A 347 24.20 -41.03 -86.99
CA GLU A 347 23.34 -41.80 -87.89
C GLU A 347 23.83 -41.72 -89.33
N LEU A 348 24.25 -40.53 -89.76
CA LEU A 348 24.87 -40.39 -91.07
C LEU A 348 26.09 -41.29 -91.19
N GLN A 349 26.94 -41.29 -90.16
CA GLN A 349 28.16 -42.09 -90.20
C GLN A 349 27.84 -43.57 -90.36
N ASP A 350 26.75 -44.04 -89.75
CA ASP A 350 26.47 -45.46 -89.74
C ASP A 350 25.83 -45.93 -91.04
N ILE A 351 24.93 -45.14 -91.61
CA ILE A 351 24.23 -45.58 -92.83
C ILE A 351 25.20 -45.73 -93.98
N GLY A 352 26.13 -44.78 -94.13
CA GLY A 352 27.20 -44.87 -95.11
C GLY A 352 26.94 -44.09 -96.39
N VAL A 353 25.68 -43.86 -96.75
CA VAL A 353 25.38 -43.14 -97.98
C VAL A 353 25.74 -41.67 -97.80
N ARG A 354 26.57 -41.16 -98.71
CA ARG A 354 26.98 -39.76 -98.69
C ARG A 354 26.29 -38.99 -99.82
#